data_3FZL
#
_entry.id   3FZL
#
_cell.length_a   40.601
_cell.length_b   120.384
_cell.length_c   53.128
_cell.angle_alpha   90.00
_cell.angle_beta   106.57
_cell.angle_gamma   90.00
#
_symmetry.space_group_name_H-M   'P 1 21 1'
#
loop_
_entity.id
_entity.type
_entity.pdbx_description
1 polymer 'Heat shock cognate 71 kDa protein'
2 polymer 'BAG family molecular chaperone regulator 1'
3 non-polymer 2-AMINO-2-HYDROXYMETHYL-PROPANE-1,3-DIOL
4 non-polymer 4-[[(2R,3S,4R,5R)-5-[6-amino-8-[(3,4-dichlorophenyl)methylamino]purin-9-yl]-3,4-dihydroxy-oxolan-2-yl]methoxymethyl]benzonitrile
5 water water
#
loop_
_entity_poly.entity_id
_entity_poly.type
_entity_poly.pdbx_seq_one_letter_code
_entity_poly.pdbx_strand_id
1 'polypeptide(L)'
;YFQGPAVGIDLGTTYSCVGVFQHGKVEIIANDQGNRTTPSYVAFTDTERLIGDAAKNQVAMNPTNTVFDAKRLIGRRFDD
AVVQSDMKHWPFMVVNDAGRPKVQVEYKGETKSFYPEEVSSMVLTKMKEIAEAYLGKTVTNAVVTVPAYFNDSQRQATKD
AGTIAGLNVLRIINEPTAAAIAYGLDKKVGAERNVLIFDLGGGTFDVSILTIEDGIFEVKSTAGDTHLGGEDFDNRMVNH
FIAEFKRKHKKDISENKRAVRRLRTACERAKRTLSSSTQASIEIDSLYEGIDFYTSITRARFEELNADLFRGTLDPVEKA
LRDAKLDKSQIHDIVLVGGSTRIPKIQKLLQDFFNGKELNKSINPDEAVAYGAAVQAAILS
;
A
2 'polypeptide(L)'
;GNSPQEEVELKKLKHLEKSVEKIADQLEELNKELTGIQQGFLPKDLQAEALCKLDRRVKATIEQFMKILEEIDTLILPEN
FKDSRLKRKGLVKKVQAFLAECDTVEQNICQETE
;
B
#
loop_
_chem_comp.id
_chem_comp.type
_chem_comp.name
_chem_comp.formula
3FD non-polymer 4-[[(2R,3S,4R,5R)-5-[6-amino-8-[(3,4-dichlorophenyl)methylamino]purin-9-yl]-3,4-dihydroxy-oxolan-2-yl]methoxymethyl]benzonitrile 'C25 H23 Cl2 N7 O4'
TRS non-polymer 2-AMINO-2-HYDROXYMETHYL-PROPANE-1,3-DIOL 'C4 H12 N O3 1'
#
# COMPACT_ATOMS: atom_id res chain seq x y z
N PRO A 5 18.28 21.18 9.44
CA PRO A 5 17.73 20.10 8.61
C PRO A 5 16.25 20.30 8.34
N ALA A 6 15.88 20.17 7.07
CA ALA A 6 14.46 20.27 6.69
C ALA A 6 14.08 19.12 5.74
N VAL A 7 12.92 18.51 5.99
CA VAL A 7 12.49 17.36 5.19
C VAL A 7 11.34 17.69 4.21
N GLY A 8 11.21 16.81 3.22
CA GLY A 8 10.08 16.80 2.32
C GLY A 8 9.30 15.56 2.62
N ILE A 9 8.03 15.71 2.93
CA ILE A 9 7.15 14.57 3.17
C ILE A 9 6.06 14.55 2.11
N ASP A 10 5.95 13.44 1.41
CA ASP A 10 4.84 13.12 0.57
C ASP A 10 3.89 12.45 1.52
N LEU A 11 2.82 13.12 1.91
CA LEU A 11 1.76 12.52 2.72
C LEU A 11 0.73 11.92 1.74
N GLY A 12 0.79 10.60 1.48
CA GLY A 12 -0.13 9.95 0.53
C GLY A 12 -1.34 9.24 1.18
N THR A 13 -2.22 8.66 0.33
CA THR A 13 -3.46 8.00 0.79
C THR A 13 -3.18 6.60 1.35
N THR A 14 -2.31 5.86 0.66
CA THR A 14 -1.92 4.51 1.06
C THR A 14 -0.52 4.43 1.72
N TYR A 15 0.42 5.26 1.26
CA TYR A 15 1.79 5.25 1.72
C TYR A 15 2.22 6.70 1.90
N SER A 16 3.24 6.91 2.73
CA SER A 16 3.87 8.21 2.87
C SER A 16 5.34 7.99 2.63
N CYS A 17 6.07 9.04 2.32
CA CYS A 17 7.48 8.87 2.09
C CYS A 17 8.13 10.14 2.57
N VAL A 18 9.37 10.04 3.08
CA VAL A 18 10.10 11.25 3.62
C VAL A 18 11.53 11.35 3.14
N GLY A 19 11.93 12.55 2.75
CA GLY A 19 13.25 12.71 2.16
C GLY A 19 13.96 13.91 2.70
N VAL A 20 15.29 13.89 2.60
CA VAL A 20 16.11 15.02 3.00
C VAL A 20 17.15 15.31 1.92
N PHE A 21 17.39 16.59 1.66
CA PHE A 21 18.48 16.98 0.76
C PHE A 21 19.81 17.18 1.51
N GLN A 22 20.72 16.24 1.33
CA GLN A 22 21.97 16.30 2.05
C GLN A 22 23.15 15.95 1.15
N HIS A 23 24.24 16.71 1.29
CA HIS A 23 25.48 16.51 0.53
C HIS A 23 25.30 16.65 -0.99
N GLY A 24 24.35 17.49 -1.39
CA GLY A 24 24.11 17.75 -2.81
C GLY A 24 23.37 16.68 -3.60
N LYS A 25 22.51 15.94 -2.93
CA LYS A 25 21.91 14.73 -3.48
C LYS A 25 20.74 14.46 -2.53
N VAL A 26 19.60 14.01 -3.03
CA VAL A 26 18.52 13.73 -2.07
C VAL A 26 18.55 12.32 -1.51
N GLU A 27 18.12 12.16 -0.26
CA GLU A 27 18.15 10.87 0.40
C GLU A 27 16.74 10.52 0.87
N ILE A 28 16.18 9.43 0.34
CA ILE A 28 14.86 8.96 0.72
C ILE A 28 14.98 8.11 1.99
N ILE A 29 15.00 8.78 3.13
CA ILE A 29 15.16 8.11 4.42
C ILE A 29 14.34 6.81 4.54
N ALA A 30 14.97 5.70 4.95
CA ALA A 30 14.25 4.42 5.18
C ALA A 30 13.69 4.30 6.60
N ASN A 31 12.61 3.56 6.80
CA ASN A 31 12.05 3.41 8.16
C ASN A 31 12.72 2.36 9.04
N ASP A 32 12.27 2.27 10.30
CA ASP A 32 12.83 1.34 11.30
C ASP A 32 12.76 -0.11 10.84
N GLN A 33 11.96 -0.33 9.81
CA GLN A 33 11.80 -1.63 9.18
C GLN A 33 12.55 -1.72 7.85
N GLY A 34 13.18 -0.62 7.40
CA GLY A 34 14.02 -0.63 6.21
C GLY A 34 13.34 -0.30 4.89
N ASN A 35 12.07 0.11 4.97
CA ASN A 35 11.24 0.48 3.80
C ASN A 35 11.21 1.98 3.55
N ARG A 36 11.38 2.38 2.29
CA ARG A 36 11.44 3.81 1.95
C ARG A 36 10.05 4.48 1.81
N THR A 37 9.00 3.67 1.84
CA THR A 37 7.66 4.17 2.06
C THR A 37 7.14 3.61 3.37
N THR A 38 6.18 4.31 3.95
CA THR A 38 5.56 3.92 5.19
C THR A 38 4.07 4.06 4.97
N PRO A 39 3.31 2.95 5.02
CA PRO A 39 1.84 2.99 4.96
C PRO A 39 1.23 4.05 5.91
N SER A 40 0.18 4.72 5.46
CA SER A 40 -0.48 5.76 6.22
C SER A 40 -1.57 5.13 7.07
N TYR A 41 -1.15 4.21 7.95
CA TYR A 41 -2.04 3.36 8.76
C TYR A 41 -1.80 3.62 10.25
N VAL A 42 -2.87 3.57 11.05
CA VAL A 42 -2.81 3.89 12.47
C VAL A 42 -3.79 3.00 13.21
N ALA A 43 -3.29 2.08 14.02
CA ALA A 43 -4.14 1.11 14.75
C ALA A 43 -4.16 1.35 16.27
N PHE A 44 -5.31 1.04 16.88
CA PHE A 44 -5.49 1.15 18.33
C PHE A 44 -5.84 -0.21 18.95
N THR A 45 -5.02 -0.63 19.92
CA THR A 45 -5.02 -2.02 20.45
C THR A 45 -4.79 -2.14 21.95
N ASP A 46 -5.86 -2.17 22.73
CA ASP A 46 -5.82 -2.68 24.13
C ASP A 46 -4.80 -2.06 25.10
N THR A 47 -3.67 -1.58 24.58
CA THR A 47 -2.43 -1.36 25.35
C THR A 47 -1.49 -0.31 24.73
N GLU A 48 -1.61 -0.11 23.42
CA GLU A 48 -0.68 0.72 22.62
C GLU A 48 -1.36 1.27 21.36
N ARG A 49 -0.74 2.30 20.78
CA ARG A 49 -1.09 2.75 19.43
C ARG A 49 0.00 2.47 18.38
N LEU A 50 -0.40 1.95 17.21
CA LEU A 50 0.54 1.48 16.18
C LEU A 50 0.43 2.30 14.89
N ILE A 51 1.57 2.77 14.36
CA ILE A 51 1.60 3.57 13.12
C ILE A 51 2.54 2.95 12.07
N GLY A 52 2.15 3.00 10.79
CA GLY A 52 2.99 2.48 9.73
C GLY A 52 2.80 0.99 9.49
N ASP A 53 3.92 0.26 9.40
CA ASP A 53 3.94 -1.15 9.06
C ASP A 53 3.41 -1.98 10.20
N ALA A 54 3.74 -1.58 11.43
CA ALA A 54 3.15 -2.20 12.62
C ALA A 54 1.61 -2.24 12.52
N ALA A 55 0.98 -1.13 12.10
CA ALA A 55 -0.50 -1.05 11.94
C ALA A 55 -1.04 -1.75 10.70
N LYS A 56 -0.28 -1.70 9.62
CA LYS A 56 -0.69 -2.37 8.42
C LYS A 56 -0.79 -3.86 8.70
N ASN A 57 0.12 -4.37 9.54
CA ASN A 57 0.31 -5.81 9.72
C ASN A 57 -0.65 -6.50 10.67
N GLN A 58 -1.28 -5.75 11.57
CA GLN A 58 -2.38 -6.29 12.39
C GLN A 58 -3.77 -5.80 11.96
N VAL A 59 -3.91 -5.48 10.69
CA VAL A 59 -5.20 -5.05 10.15
C VAL A 59 -6.20 -6.23 10.06
N ALA A 60 -5.69 -7.46 9.96
CA ALA A 60 -6.57 -8.62 9.95
C ALA A 60 -7.09 -8.89 11.35
N MET A 61 -6.26 -8.60 12.36
CA MET A 61 -6.51 -8.98 13.76
C MET A 61 -7.33 -7.93 14.48
N ASN A 62 -7.46 -6.77 13.85
CA ASN A 62 -8.10 -5.60 14.46
C ASN A 62 -8.63 -4.60 13.42
N PRO A 63 -9.37 -5.09 12.38
CA PRO A 63 -9.71 -4.30 11.17
C PRO A 63 -10.63 -3.13 11.46
N THR A 64 -11.12 -3.13 12.70
CA THR A 64 -12.25 -2.33 13.12
C THR A 64 -11.68 -1.10 13.83
N ASN A 65 -10.47 -1.25 14.40
CA ASN A 65 -9.73 -0.14 15.06
C ASN A 65 -8.41 0.25 14.35
N THR A 66 -8.24 -0.23 13.11
CA THR A 66 -7.12 0.15 12.22
C THR A 66 -7.52 1.05 11.04
N VAL A 67 -7.15 2.33 11.14
CA VAL A 67 -7.59 3.43 10.26
C VAL A 67 -6.61 3.70 9.09
N PHE A 68 -7.13 4.10 7.94
CA PHE A 68 -6.33 4.32 6.76
C PHE A 68 -7.18 5.19 5.83
N ASP A 69 -6.70 5.50 4.62
CA ASP A 69 -7.39 6.45 3.73
C ASP A 69 -7.87 7.73 4.45
N ALA A 70 -7.15 8.23 5.43
CA ALA A 70 -7.56 9.50 6.05
C ALA A 70 -7.38 10.76 5.17
N LYS A 71 -6.66 10.59 4.05
CA LYS A 71 -6.47 11.66 3.09
C LYS A 71 -7.79 11.83 2.34
N ARG A 72 -8.53 10.75 2.16
CA ARG A 72 -9.87 10.82 1.60
C ARG A 72 -10.94 11.54 2.45
N LEU A 73 -10.67 11.77 3.74
CA LEU A 73 -11.64 12.47 4.64
C LEU A 73 -11.15 13.86 5.05
N ILE A 74 -9.85 14.11 4.90
CA ILE A 74 -9.22 15.33 5.43
C ILE A 74 -9.75 16.62 4.75
N GLY A 75 -10.09 17.61 5.56
CA GLY A 75 -10.67 18.84 5.06
C GLY A 75 -12.11 18.84 4.49
N ARG A 76 -12.69 17.66 4.30
CA ARG A 76 -14.06 17.50 3.79
C ARG A 76 -15.08 17.58 4.92
N ARG A 77 -16.34 17.81 4.56
CA ARG A 77 -17.47 17.81 5.48
C ARG A 77 -18.05 16.38 5.47
N PHE A 78 -18.96 16.10 6.38
CA PHE A 78 -19.48 14.76 6.54
C PHE A 78 -20.35 14.40 5.38
N ASP A 79 -21.07 15.37 4.87
CA ASP A 79 -21.97 15.11 3.76
C ASP A 79 -21.32 15.21 2.33
N ASP A 80 -20.00 15.48 2.25
CA ASP A 80 -19.26 15.45 0.96
C ASP A 80 -19.51 14.13 0.22
N ALA A 81 -19.86 14.22 -1.05
CA ALA A 81 -20.11 13.04 -1.88
C ALA A 81 -19.10 11.93 -1.64
N VAL A 82 -17.85 12.36 -1.38
CA VAL A 82 -16.70 11.46 -1.24
C VAL A 82 -16.54 10.85 0.15
N VAL A 83 -16.84 11.63 1.20
CA VAL A 83 -16.89 11.08 2.56
C VAL A 83 -18.02 10.06 2.59
N GLN A 84 -19.10 10.36 1.90
CA GLN A 84 -20.24 9.46 1.94
C GLN A 84 -19.92 8.16 1.22
N SER A 85 -19.54 8.26 -0.04
CA SER A 85 -19.26 7.10 -0.88
C SER A 85 -18.20 6.13 -0.32
N ASP A 86 -17.15 6.68 0.28
CA ASP A 86 -16.02 5.85 0.70
C ASP A 86 -16.34 5.07 1.97
N MET A 87 -17.08 5.72 2.86
CA MET A 87 -17.56 5.21 4.14
C MET A 87 -18.17 3.83 4.12
N LYS A 88 -18.81 3.48 3.00
CA LYS A 88 -19.46 2.19 2.87
C LYS A 88 -18.42 1.05 2.98
N HIS A 89 -17.16 1.37 2.65
CA HIS A 89 -16.10 0.35 2.46
C HIS A 89 -14.95 0.35 3.49
N TRP A 90 -15.22 0.94 4.65
CA TRP A 90 -14.22 1.04 5.68
C TRP A 90 -14.75 0.38 6.94
N PRO A 91 -14.08 -0.73 7.34
CA PRO A 91 -14.29 -1.52 8.55
C PRO A 91 -14.47 -0.68 9.81
N PHE A 92 -13.83 0.49 9.82
CA PHE A 92 -13.88 1.40 10.96
C PHE A 92 -15.05 2.36 10.86
N MET A 93 -15.31 3.09 11.95
CA MET A 93 -16.48 3.94 12.08
C MET A 93 -16.14 5.37 11.69
N VAL A 94 -16.93 5.93 10.75
CA VAL A 94 -16.93 7.38 10.48
C VAL A 94 -18.23 7.95 11.06
N VAL A 95 -18.06 9.02 11.84
CA VAL A 95 -19.09 9.57 12.71
C VAL A 95 -19.24 11.05 12.42
N ASN A 96 -20.48 11.53 12.30
CA ASN A 96 -20.74 12.96 12.12
C ASN A 96 -20.75 13.64 13.46
N ASP A 97 -19.69 14.37 13.72
CA ASP A 97 -19.64 15.31 14.80
C ASP A 97 -19.87 16.67 14.13
N ALA A 98 -21.13 17.14 14.24
CA ALA A 98 -21.56 18.49 13.80
C ALA A 98 -21.19 18.90 12.36
N GLY A 99 -21.28 17.96 11.41
CA GLY A 99 -21.00 18.25 10.01
C GLY A 99 -19.59 17.91 9.55
N ARG A 100 -18.66 17.89 10.51
CA ARG A 100 -17.27 17.45 10.30
C ARG A 100 -17.18 16.00 10.73
N PRO A 101 -16.58 15.13 9.89
CA PRO A 101 -16.46 13.70 10.22
C PRO A 101 -15.41 13.37 11.32
N LYS A 102 -15.56 12.21 11.95
CA LYS A 102 -14.60 11.74 12.94
C LYS A 102 -14.51 10.22 12.84
N VAL A 103 -13.29 9.69 12.98
CA VAL A 103 -13.12 8.25 13.14
C VAL A 103 -13.07 7.96 14.65
N GLN A 104 -13.89 7.02 15.07
CA GLN A 104 -13.99 6.64 16.48
C GLN A 104 -13.44 5.21 16.61
N VAL A 105 -12.58 5.02 17.59
CA VAL A 105 -11.97 3.69 17.77
C VAL A 105 -12.08 3.22 19.21
N GLU A 106 -11.79 1.93 19.39
CA GLU A 106 -11.50 1.32 20.70
C GLU A 106 -9.99 1.43 20.90
N TYR A 107 -9.57 1.99 22.03
CA TYR A 107 -8.16 2.20 22.30
C TYR A 107 -7.96 2.14 23.81
N LYS A 108 -7.38 1.01 24.26
CA LYS A 108 -7.20 0.66 25.69
C LYS A 108 -8.51 0.48 26.51
N GLY A 109 -9.52 -0.11 25.87
CA GLY A 109 -10.84 -0.36 26.49
C GLY A 109 -11.82 0.83 26.52
N GLU A 110 -11.28 1.99 26.21
CA GLU A 110 -12.03 3.23 26.19
C GLU A 110 -12.20 3.60 24.73
N THR A 111 -13.43 3.87 24.34
CA THR A 111 -13.71 4.32 22.98
C THR A 111 -13.34 5.80 22.81
N LYS A 112 -12.36 6.09 21.95
CA LYS A 112 -11.95 7.49 21.66
C LYS A 112 -12.32 7.93 20.21
N SER A 113 -12.51 9.24 20.00
CA SER A 113 -12.90 9.76 18.69
C SER A 113 -11.85 10.73 18.16
N PHE A 114 -11.67 10.71 16.83
CA PHE A 114 -10.55 11.38 16.16
C PHE A 114 -10.92 12.10 14.87
N TYR A 115 -10.61 13.40 14.81
CA TYR A 115 -10.63 14.14 13.56
C TYR A 115 -9.58 13.57 12.62
N PRO A 116 -9.80 13.61 11.29
CA PRO A 116 -8.79 13.12 10.32
C PRO A 116 -7.38 13.80 10.34
N GLU A 117 -7.31 15.09 10.65
CA GLU A 117 -6.01 15.72 10.83
C GLU A 117 -5.32 15.21 12.09
N GLU A 118 -6.10 14.71 13.06
CA GLU A 118 -5.52 14.10 14.26
C GLU A 118 -4.84 12.81 13.84
N VAL A 119 -5.57 12.02 13.06
CA VAL A 119 -5.06 10.77 12.46
C VAL A 119 -3.93 10.99 11.39
N SER A 120 -3.90 12.15 10.74
CA SER A 120 -2.78 12.42 9.82
C SER A 120 -1.64 13.03 10.58
N SER A 121 -1.90 13.51 11.79
CA SER A 121 -0.81 14.09 12.51
C SER A 121 0.06 12.92 12.99
N MET A 122 -0.59 11.79 13.27
CA MET A 122 0.11 10.56 13.69
C MET A 122 1.05 10.00 12.60
N VAL A 123 0.57 9.90 11.36
CA VAL A 123 1.45 9.55 10.22
C VAL A 123 2.58 10.58 10.15
N LEU A 124 2.24 11.86 10.25
CA LEU A 124 3.32 12.86 10.19
C LEU A 124 4.33 12.77 11.36
N THR A 125 3.84 12.56 12.58
CA THR A 125 4.70 12.30 13.77
C THR A 125 5.69 11.18 13.50
N LYS A 126 5.17 10.03 13.06
CA LYS A 126 5.98 8.90 12.59
C LYS A 126 6.99 9.24 11.47
N MET A 127 6.58 10.03 10.48
CA MET A 127 7.52 10.38 9.43
C MET A 127 8.61 11.25 10.02
N LYS A 128 8.23 12.17 10.91
CA LYS A 128 9.19 13.06 11.60
C LYS A 128 10.25 12.21 12.30
N GLU A 129 9.78 11.22 13.03
CA GLU A 129 10.59 10.23 13.75
C GLU A 129 11.51 9.46 12.81
N ILE A 130 10.94 8.88 11.76
CA ILE A 130 11.72 8.19 10.72
C ILE A 130 13.01 8.96 10.33
N ALA A 131 12.84 10.25 10.03
CA ALA A 131 13.95 11.18 9.68
C ALA A 131 14.91 11.45 10.82
N GLU A 132 14.34 11.85 11.97
CA GLU A 132 15.10 12.09 13.20
C GLU A 132 15.94 10.88 13.65
N ALA A 133 15.36 9.66 13.54
CA ALA A 133 16.10 8.39 13.64
C ALA A 133 17.28 8.30 12.66
N TYR A 134 17.04 8.59 11.38
CA TYR A 134 18.13 8.57 10.36
C TYR A 134 19.23 9.60 10.62
N LEU A 135 18.84 10.87 10.78
CA LEU A 135 19.76 12.02 10.75
C LEU A 135 20.49 12.20 12.08
N GLY A 136 19.91 11.60 13.11
CA GLY A 136 20.44 11.66 14.47
C GLY A 136 20.48 13.09 14.94
N LYS A 137 19.52 13.89 14.47
CA LYS A 137 19.27 15.27 14.94
C LYS A 137 17.76 15.45 15.08
N THR A 138 17.32 16.56 15.72
CA THR A 138 15.89 16.98 15.73
C THR A 138 15.50 17.57 14.37
N VAL A 139 14.32 17.17 13.93
CA VAL A 139 13.74 17.63 12.67
C VAL A 139 12.46 18.41 13.01
N THR A 140 12.35 19.64 12.50
CA THR A 140 11.14 20.41 12.75
C THR A 140 10.50 20.95 11.45
N ASN A 141 11.27 21.71 10.67
CA ASN A 141 10.84 22.30 9.41
C ASN A 141 10.57 21.29 8.34
N ALA A 142 9.39 21.35 7.71
CA ALA A 142 9.07 20.46 6.57
C ALA A 142 8.30 21.13 5.43
N VAL A 143 8.38 20.51 4.25
CA VAL A 143 7.41 20.76 3.19
C VAL A 143 6.49 19.54 3.16
N VAL A 144 5.17 19.74 3.09
CA VAL A 144 4.30 18.57 3.04
C VAL A 144 3.45 18.77 1.80
N THR A 145 3.29 17.73 0.98
CA THR A 145 2.60 17.93 -0.28
C THR A 145 1.14 17.54 -0.18
N VAL A 146 0.31 18.16 -1.04
CA VAL A 146 -1.10 17.77 -1.29
C VAL A 146 -1.40 17.67 -2.79
N PRO A 147 -2.50 16.95 -3.16
CA PRO A 147 -2.96 16.95 -4.55
C PRO A 147 -3.35 18.33 -5.02
N ALA A 148 -3.15 18.62 -6.31
CA ALA A 148 -3.52 19.91 -6.92
C ALA A 148 -4.97 20.36 -6.70
N TYR A 149 -5.88 19.41 -6.61
CA TYR A 149 -7.29 19.73 -6.50
C TYR A 149 -7.77 19.97 -5.08
N PHE A 150 -6.92 19.82 -4.09
CA PHE A 150 -7.32 20.13 -2.73
C PHE A 150 -7.65 21.60 -2.65
N ASN A 151 -8.74 21.89 -1.93
CA ASN A 151 -9.23 23.24 -1.64
C ASN A 151 -8.51 23.93 -0.47
N ASP A 152 -9.04 25.07 0.00
CA ASP A 152 -8.47 25.77 1.15
C ASP A 152 -8.61 24.91 2.40
N SER A 153 -9.81 24.39 2.65
CA SER A 153 -10.11 23.66 3.86
C SER A 153 -9.14 22.48 4.06
N GLN A 154 -8.92 21.75 2.95
CA GLN A 154 -8.09 20.55 2.93
C GLN A 154 -6.62 20.89 3.00
N ARG A 155 -6.22 22.02 2.44
CA ARG A 155 -4.86 22.53 2.70
C ARG A 155 -4.71 22.86 4.17
N GLN A 156 -5.67 23.60 4.74
CA GLN A 156 -5.56 23.97 6.17
C GLN A 156 -5.54 22.77 7.11
N ALA A 157 -6.43 21.81 6.88
CA ALA A 157 -6.46 20.56 7.65
C ALA A 157 -5.15 19.76 7.61
N THR A 158 -4.50 19.69 6.45
CA THR A 158 -3.13 19.12 6.31
C THR A 158 -2.09 19.96 7.06
N LYS A 159 -2.02 21.26 6.76
CA LYS A 159 -1.07 22.15 7.44
C LYS A 159 -1.19 22.01 8.96
N ASP A 160 -2.40 22.07 9.51
CA ASP A 160 -2.62 21.82 10.93
C ASP A 160 -2.12 20.43 11.31
N ALA A 161 -2.57 19.39 10.58
CA ALA A 161 -2.14 18.03 10.88
C ALA A 161 -0.62 18.00 11.13
N GLY A 162 0.14 18.85 10.45
CA GLY A 162 1.57 18.93 10.70
C GLY A 162 1.94 19.76 11.93
N THR A 163 1.37 20.96 12.04
CA THR A 163 1.59 21.82 13.23
C THR A 163 1.28 21.06 14.52
N ILE A 164 0.22 20.27 14.54
CA ILE A 164 0.00 19.31 15.64
C ILE A 164 1.15 18.30 15.85
N ALA A 165 1.77 17.83 14.76
CA ALA A 165 2.89 16.85 14.86
C ALA A 165 4.17 17.40 15.48
N GLY A 166 4.29 18.72 15.49
CA GLY A 166 5.49 19.36 15.98
C GLY A 166 6.28 19.89 14.81
N LEU A 167 5.71 19.77 13.62
CA LEU A 167 6.36 20.29 12.42
C LEU A 167 6.21 21.83 12.27
N ASN A 168 7.19 22.44 11.62
CA ASN A 168 7.08 23.81 11.14
C ASN A 168 6.91 23.67 9.65
N VAL A 169 5.66 23.73 9.17
CA VAL A 169 5.42 23.54 7.73
C VAL A 169 5.86 24.80 6.96
N LEU A 170 7.04 24.72 6.34
CA LEU A 170 7.62 25.83 5.55
C LEU A 170 6.69 26.20 4.40
N ARG A 171 6.08 25.16 3.82
CA ARG A 171 5.13 25.31 2.73
C ARG A 171 4.37 24.01 2.45
N ILE A 172 3.09 24.18 2.09
CA ILE A 172 2.24 23.17 1.44
C ILE A 172 2.28 23.25 -0.10
N ILE A 173 2.65 22.13 -0.72
CA ILE A 173 3.00 22.07 -2.13
C ILE A 173 2.19 20.96 -2.83
N ASN A 174 1.70 21.27 -4.04
CA ASN A 174 1.01 20.35 -4.91
C ASN A 174 1.91 19.23 -5.38
N GLU A 175 1.35 18.01 -5.38
CA GLU A 175 2.13 16.79 -5.67
C GLU A 175 2.78 16.79 -7.07
N PRO A 176 2.03 17.20 -8.12
CA PRO A 176 2.58 17.32 -9.47
C PRO A 176 3.64 18.45 -9.63
N THR A 177 3.61 19.49 -8.78
CA THR A 177 4.68 20.49 -8.72
C THR A 177 5.91 19.97 -7.96
N ALA A 178 5.66 19.27 -6.86
CA ALA A 178 6.72 18.46 -6.21
C ALA A 178 7.49 17.55 -7.19
N ALA A 179 6.76 16.89 -8.11
CA ALA A 179 7.36 15.98 -9.10
C ALA A 179 8.06 16.73 -10.22
N ALA A 180 7.49 17.89 -10.61
CA ALA A 180 8.09 18.76 -11.59
C ALA A 180 9.45 19.23 -11.05
N ILE A 181 9.45 19.82 -9.86
CA ILE A 181 10.70 20.25 -9.22
C ILE A 181 11.71 19.09 -9.07
N ALA A 182 11.21 17.90 -8.78
CA ALA A 182 12.07 16.73 -8.71
C ALA A 182 12.90 16.57 -9.97
N TYR A 183 12.27 16.78 -11.13
CA TYR A 183 12.90 16.61 -12.43
C TYR A 183 13.57 17.89 -12.94
N GLY A 184 13.61 18.91 -12.09
CA GLY A 184 14.23 20.17 -12.46
C GLY A 184 13.61 20.80 -13.69
N LEU A 185 12.33 20.49 -13.95
CA LEU A 185 11.61 21.15 -15.05
C LEU A 185 11.48 22.65 -14.79
N ASP A 186 11.73 23.08 -13.57
CA ASP A 186 11.61 24.50 -13.23
C ASP A 186 12.91 25.29 -13.39
N LYS A 187 13.93 24.66 -13.95
CA LYS A 187 15.20 25.34 -14.22
C LYS A 187 15.41 25.46 -15.74
N LYS A 188 14.36 25.22 -16.53
CA LYS A 188 14.44 25.45 -17.97
C LYS A 188 14.22 26.93 -18.25
N VAL A 189 14.86 27.47 -19.29
CA VAL A 189 14.84 28.95 -19.46
C VAL A 189 13.88 29.45 -20.58
N GLY A 190 13.54 30.73 -20.52
CA GLY A 190 12.85 31.36 -21.62
C GLY A 190 11.37 31.10 -21.63
N ALA A 191 10.90 30.37 -22.63
CA ALA A 191 9.48 30.35 -22.93
C ALA A 191 8.65 29.44 -22.01
N GLU A 192 7.39 29.79 -21.85
CA GLU A 192 6.49 29.01 -21.03
C GLU A 192 6.33 27.57 -21.55
N ARG A 193 6.53 26.59 -20.67
CA ARG A 193 6.32 25.17 -21.00
C ARG A 193 5.08 24.61 -20.30
N ASN A 194 4.30 23.78 -20.99
CA ASN A 194 3.20 23.04 -20.39
C ASN A 194 3.59 21.58 -20.05
N VAL A 195 3.31 21.18 -18.81
CA VAL A 195 3.78 19.92 -18.21
C VAL A 195 2.54 19.06 -17.83
N LEU A 196 2.51 17.80 -18.25
CA LEU A 196 1.44 16.87 -17.87
C LEU A 196 1.98 15.85 -16.87
N ILE A 197 1.35 15.79 -15.69
CA ILE A 197 1.80 14.85 -14.69
C ILE A 197 0.81 13.72 -14.60
N PHE A 198 1.25 12.53 -14.99
CA PHE A 198 0.46 11.28 -14.93
C PHE A 198 0.80 10.47 -13.61
N ASP A 199 -0.12 10.47 -12.64
CA ASP A 199 0.09 9.82 -11.32
C ASP A 199 -0.76 8.57 -11.17
N LEU A 200 -0.17 7.40 -11.35
CA LEU A 200 -0.94 6.17 -11.26
C LEU A 200 -0.42 5.33 -10.10
N GLY A 201 -1.12 5.38 -8.98
CA GLY A 201 -0.71 4.63 -7.80
C GLY A 201 -1.36 3.26 -7.72
N GLY A 202 -1.86 2.94 -6.54
CA GLY A 202 -2.36 1.58 -6.30
C GLY A 202 -3.85 1.59 -6.27
N GLY A 203 -4.39 2.70 -5.81
CA GLY A 203 -5.83 2.85 -5.67
C GLY A 203 -6.44 4.06 -6.35
N THR A 204 -5.63 5.12 -6.55
CA THR A 204 -6.08 6.39 -7.16
C THR A 204 -5.28 6.79 -8.44
N PHE A 205 -5.92 7.53 -9.33
CA PHE A 205 -5.31 8.02 -10.58
C PHE A 205 -5.56 9.54 -10.71
N ASP A 206 -4.51 10.33 -10.97
CA ASP A 206 -4.62 11.79 -11.07
C ASP A 206 -3.82 12.37 -12.23
N VAL A 207 -4.49 13.08 -13.13
CA VAL A 207 -3.78 13.89 -14.12
C VAL A 207 -3.81 15.36 -13.70
N SER A 208 -2.72 16.07 -14.01
CA SER A 208 -2.54 17.46 -13.64
C SER A 208 -1.75 18.10 -14.76
N ILE A 209 -2.29 19.19 -15.31
CA ILE A 209 -1.54 19.98 -16.23
C ILE A 209 -1.17 21.30 -15.54
N LEU A 210 0.13 21.60 -15.58
CA LEU A 210 0.72 22.83 -15.09
C LEU A 210 1.46 23.54 -16.21
N THR A 211 1.39 24.86 -16.19
CA THR A 211 2.29 25.68 -16.97
C THR A 211 3.46 26.08 -16.07
N ILE A 212 4.68 26.02 -16.62
CA ILE A 212 5.87 26.55 -15.96
C ILE A 212 6.56 27.58 -16.89
N GLU A 213 6.78 28.78 -16.38
CA GLU A 213 7.61 29.77 -17.06
C GLU A 213 8.57 30.42 -16.07
N ASP A 214 9.87 30.38 -16.40
CA ASP A 214 10.95 30.89 -15.52
C ASP A 214 10.96 30.35 -14.09
N GLY A 215 10.52 29.12 -13.91
CA GLY A 215 10.45 28.56 -12.55
C GLY A 215 9.28 29.04 -11.71
N ILE A 216 8.33 29.74 -12.34
CA ILE A 216 7.07 30.07 -11.71
C ILE A 216 6.05 29.10 -12.27
N PHE A 217 5.32 28.44 -11.37
CA PHE A 217 4.40 27.37 -11.72
C PHE A 217 2.99 27.90 -11.69
N GLU A 218 2.10 27.25 -12.45
CA GLU A 218 0.66 27.43 -12.31
C GLU A 218 -0.13 26.18 -12.71
N VAL A 219 -1.17 25.89 -11.94
CA VAL A 219 -2.06 24.75 -12.21
C VAL A 219 -3.18 25.09 -13.22
N LYS A 220 -3.09 24.47 -14.40
CA LYS A 220 -4.01 24.69 -15.51
C LYS A 220 -5.28 23.88 -15.47
N SER A 221 -5.16 22.61 -15.02
CA SER A 221 -6.29 21.65 -14.90
C SER A 221 -5.98 20.40 -14.05
N THR A 222 -7.05 19.69 -13.68
CA THR A 222 -7.08 18.51 -12.77
C THR A 222 -7.95 17.47 -13.47
N ALA A 223 -7.49 16.22 -13.46
CA ALA A 223 -8.34 15.07 -13.84
C ALA A 223 -7.93 13.83 -13.05
N GLY A 224 -8.65 12.74 -13.26
CA GLY A 224 -8.23 11.47 -12.72
C GLY A 224 -9.34 10.46 -12.56
N ASP A 225 -9.03 9.35 -11.94
CA ASP A 225 -10.04 8.36 -11.66
C ASP A 225 -9.73 8.04 -10.24
N THR A 226 -10.72 8.15 -9.38
CA THR A 226 -10.45 8.11 -7.96
C THR A 226 -10.56 6.69 -7.39
N HIS A 227 -11.01 5.76 -8.22
CA HIS A 227 -10.86 4.35 -7.92
C HIS A 227 -10.34 3.50 -9.11
N LEU A 228 -9.09 3.79 -9.47
CA LEU A 228 -8.35 3.04 -10.46
C LEU A 228 -6.92 2.99 -9.99
N GLY A 229 -6.32 1.83 -10.19
CA GLY A 229 -4.91 1.67 -9.90
C GLY A 229 -4.52 0.25 -10.06
N GLY A 230 -3.31 -0.05 -9.60
CA GLY A 230 -2.73 -1.38 -9.66
C GLY A 230 -3.63 -2.49 -9.13
N GLU A 231 -4.61 -2.15 -8.30
CA GLU A 231 -5.41 -3.16 -7.65
C GLU A 231 -6.49 -3.73 -8.55
N ASP A 232 -6.96 -2.88 -9.45
CA ASP A 232 -7.80 -3.34 -10.52
C ASP A 232 -7.02 -4.30 -11.40
N PHE A 233 -5.71 -4.10 -11.51
CA PHE A 233 -4.91 -4.95 -12.42
C PHE A 233 -4.71 -6.35 -11.83
N ASP A 234 -4.53 -6.40 -10.51
CA ASP A 234 -4.28 -7.66 -9.83
C ASP A 234 -5.57 -8.48 -9.89
N ASN A 235 -6.72 -7.82 -9.71
CA ASN A 235 -8.06 -8.45 -9.88
C ASN A 235 -8.32 -9.11 -11.21
N ARG A 236 -7.92 -8.42 -12.28
CA ARG A 236 -7.94 -9.01 -13.62
C ARG A 236 -7.16 -10.30 -13.62
N MET A 237 -5.99 -10.32 -13.00
CA MET A 237 -5.22 -11.58 -12.94
C MET A 237 -5.92 -12.66 -12.10
N VAL A 238 -6.42 -12.27 -10.93
CA VAL A 238 -7.13 -13.20 -10.05
C VAL A 238 -8.28 -13.93 -10.79
N ASN A 239 -8.95 -13.20 -11.67
CA ASN A 239 -10.07 -13.75 -12.44
C ASN A 239 -9.58 -14.69 -13.54
N HIS A 240 -8.50 -14.30 -14.21
CA HIS A 240 -7.85 -15.13 -15.22
C HIS A 240 -7.44 -16.42 -14.59
N PHE A 241 -6.76 -16.37 -13.44
CA PHE A 241 -6.33 -17.61 -12.74
C PHE A 241 -7.47 -18.42 -12.10
N ILE A 242 -8.50 -17.76 -11.56
CA ILE A 242 -9.66 -18.51 -11.00
C ILE A 242 -10.47 -19.27 -12.08
N ALA A 243 -10.69 -18.64 -13.23
CA ALA A 243 -11.16 -19.32 -14.42
C ALA A 243 -10.24 -20.47 -14.80
N GLU A 244 -8.93 -20.21 -14.88
CA GLU A 244 -7.95 -21.24 -15.28
C GLU A 244 -7.94 -22.41 -14.31
N PHE A 245 -8.06 -22.14 -13.01
CA PHE A 245 -8.25 -23.25 -12.03
C PHE A 245 -9.48 -24.11 -12.36
N LYS A 246 -10.67 -23.51 -12.34
CA LYS A 246 -11.95 -24.14 -12.75
C LYS A 246 -11.89 -25.02 -13.99
N ARG A 247 -11.11 -24.55 -14.97
CA ARG A 247 -10.84 -25.29 -16.20
C ARG A 247 -10.16 -26.63 -15.89
N LYS A 248 -8.88 -26.56 -15.55
CA LYS A 248 -8.00 -27.73 -15.40
C LYS A 248 -8.41 -28.68 -14.30
N HIS A 249 -8.95 -28.13 -13.22
CA HIS A 249 -9.20 -28.92 -12.03
C HIS A 249 -10.67 -28.93 -11.62
N LYS A 250 -11.55 -28.42 -12.47
CA LYS A 250 -12.98 -28.31 -12.16
C LYS A 250 -13.38 -28.00 -10.71
N LYS A 251 -12.64 -27.08 -10.08
CA LYS A 251 -12.94 -26.54 -8.75
C LYS A 251 -13.05 -25.01 -8.75
N ASP A 252 -13.93 -24.49 -7.90
CA ASP A 252 -14.10 -23.04 -7.71
C ASP A 252 -13.55 -22.64 -6.35
N ILE A 253 -12.39 -21.98 -6.38
CA ILE A 253 -11.62 -21.62 -5.18
C ILE A 253 -12.03 -20.29 -4.56
N SER A 254 -12.98 -19.61 -5.21
CA SER A 254 -13.25 -18.18 -4.97
C SER A 254 -14.06 -17.95 -3.70
N GLU A 255 -14.57 -19.02 -3.11
CA GLU A 255 -15.26 -18.82 -1.86
C GLU A 255 -14.39 -19.20 -0.68
N ASN A 256 -13.12 -19.49 -0.98
CA ASN A 256 -12.07 -19.69 0.03
C ASN A 256 -11.14 -18.48 0.23
N LYS A 257 -11.44 -17.63 1.20
CA LYS A 257 -10.76 -16.35 1.38
C LYS A 257 -9.24 -16.45 1.32
N ARG A 258 -8.71 -17.62 1.70
CA ARG A 258 -7.29 -17.80 1.91
C ARG A 258 -6.58 -18.20 0.65
N ALA A 259 -7.24 -19.04 -0.13
CA ALA A 259 -6.79 -19.43 -1.48
C ALA A 259 -6.74 -18.22 -2.38
N VAL A 260 -7.78 -17.38 -2.29
CA VAL A 260 -7.89 -16.18 -3.11
C VAL A 260 -6.79 -15.21 -2.68
N ARG A 261 -6.58 -15.06 -1.37
CA ARG A 261 -5.50 -14.24 -0.79
C ARG A 261 -4.10 -14.65 -1.29
N ARG A 262 -3.73 -15.92 -1.04
CA ARG A 262 -2.51 -16.53 -1.64
C ARG A 262 -2.36 -16.25 -3.14
N LEU A 263 -3.45 -16.38 -3.88
CA LEU A 263 -3.52 -16.00 -5.29
C LEU A 263 -3.40 -14.50 -5.52
N ARG A 264 -4.21 -13.66 -4.86
CA ARG A 264 -4.00 -12.21 -5.02
C ARG A 264 -2.53 -11.80 -4.86
N THR A 265 -1.95 -12.24 -3.73
CA THR A 265 -0.61 -11.87 -3.32
C THR A 265 0.41 -12.29 -4.34
N ALA A 266 0.20 -13.46 -4.92
CA ALA A 266 1.09 -13.99 -5.93
C ALA A 266 0.86 -13.22 -7.23
N CYS A 267 -0.33 -12.65 -7.39
CA CYS A 267 -0.66 -11.89 -8.61
C CYS A 267 -0.06 -10.48 -8.60
N GLU A 268 -0.16 -9.79 -7.48
CA GLU A 268 0.49 -8.48 -7.39
C GLU A 268 1.99 -8.63 -7.61
N ARG A 269 2.58 -9.66 -7.02
CA ARG A 269 4.03 -9.86 -7.12
C ARG A 269 4.46 -10.20 -8.53
N ALA A 270 3.71 -11.10 -9.17
CA ALA A 270 3.90 -11.50 -10.58
C ALA A 270 3.75 -10.29 -11.47
N LYS A 271 2.76 -9.46 -11.18
CA LYS A 271 2.59 -8.18 -11.87
C LYS A 271 3.87 -7.35 -11.84
N ARG A 272 4.45 -7.18 -10.67
CA ARG A 272 5.63 -6.37 -10.58
C ARG A 272 6.73 -6.93 -11.49
N THR A 273 6.86 -8.26 -11.50
CA THR A 273 7.88 -8.99 -12.29
C THR A 273 7.74 -8.77 -13.79
N LEU A 274 6.49 -8.57 -14.22
CA LEU A 274 6.18 -8.44 -15.64
C LEU A 274 6.50 -7.07 -16.19
N SER A 275 6.82 -6.12 -15.31
CA SER A 275 7.30 -4.81 -15.75
C SER A 275 8.78 -4.84 -16.21
N SER A 276 9.49 -5.93 -15.95
CA SER A 276 10.93 -5.99 -16.21
C SER A 276 11.36 -7.22 -16.95
N SER A 277 10.53 -8.24 -16.98
CA SER A 277 10.73 -9.34 -17.93
C SER A 277 9.42 -9.82 -18.54
N THR A 278 9.51 -10.66 -19.57
CA THR A 278 8.38 -10.84 -20.44
C THR A 278 7.43 -11.97 -20.08
N GLN A 279 7.82 -12.80 -19.11
CA GLN A 279 6.85 -13.62 -18.32
C GLN A 279 7.21 -13.80 -16.83
N ALA A 280 6.38 -14.57 -16.11
CA ALA A 280 6.37 -14.59 -14.63
C ALA A 280 5.74 -15.91 -14.18
N SER A 281 6.45 -16.66 -13.35
CA SER A 281 6.00 -17.96 -12.89
C SER A 281 5.40 -17.95 -11.49
N ILE A 282 4.41 -18.81 -11.28
CA ILE A 282 3.78 -18.98 -9.95
C ILE A 282 3.66 -20.46 -9.61
N GLU A 283 4.18 -20.84 -8.43
CA GLU A 283 3.87 -22.13 -7.78
C GLU A 283 3.31 -21.93 -6.38
N ILE A 284 2.04 -22.29 -6.17
CA ILE A 284 1.37 -22.22 -4.88
C ILE A 284 0.95 -23.63 -4.48
N ASP A 285 1.66 -24.25 -3.53
CA ASP A 285 1.39 -25.65 -3.21
C ASP A 285 0.04 -25.79 -2.51
N SER A 286 -0.64 -26.90 -2.74
CA SER A 286 -1.86 -27.16 -1.99
C SER A 286 -2.73 -25.86 -1.82
N LEU A 287 -3.12 -25.23 -2.93
CA LEU A 287 -3.86 -23.97 -2.89
C LEU A 287 -5.31 -24.13 -2.45
N TYR A 288 -5.97 -25.17 -3.00
CA TYR A 288 -7.39 -25.48 -2.79
C TYR A 288 -7.69 -26.98 -2.84
N GLU A 289 -8.28 -27.47 -1.75
CA GLU A 289 -8.57 -28.88 -1.56
C GLU A 289 -7.42 -29.85 -1.84
N GLY A 290 -6.19 -29.46 -1.56
CA GLY A 290 -5.02 -30.33 -1.74
C GLY A 290 -4.33 -30.19 -3.11
N ILE A 291 -4.90 -29.38 -4.00
CA ILE A 291 -4.44 -29.37 -5.40
C ILE A 291 -3.39 -28.29 -5.56
N ASP A 292 -2.30 -28.60 -6.26
CA ASP A 292 -1.23 -27.62 -6.50
C ASP A 292 -1.57 -26.68 -7.64
N PHE A 293 -1.35 -25.38 -7.43
CA PHE A 293 -1.51 -24.48 -8.55
C PHE A 293 -0.20 -24.03 -9.17
N TYR A 294 0.31 -24.81 -10.10
CA TYR A 294 1.53 -24.42 -10.84
C TYR A 294 1.11 -23.77 -12.15
N THR A 295 1.49 -22.52 -12.38
CA THR A 295 1.11 -21.78 -13.60
C THR A 295 2.13 -20.66 -13.90
N SER A 296 1.92 -19.92 -14.99
CA SER A 296 2.87 -18.87 -15.41
C SER A 296 2.08 -17.94 -16.31
N ILE A 297 2.56 -16.69 -16.51
CA ILE A 297 1.82 -15.65 -17.30
C ILE A 297 2.77 -14.78 -18.14
N THR A 298 2.53 -14.60 -19.44
CA THR A 298 3.39 -13.67 -20.17
C THR A 298 2.96 -12.23 -19.89
N ARG A 299 3.82 -11.29 -20.23
CA ARG A 299 3.46 -9.88 -20.23
C ARG A 299 2.28 -9.61 -21.16
N ALA A 300 2.43 -10.00 -22.44
CA ALA A 300 1.35 -9.87 -23.43
C ALA A 300 -0.04 -10.37 -22.98
N ARG A 301 -0.09 -11.44 -22.20
CA ARG A 301 -1.37 -11.94 -21.66
C ARG A 301 -1.88 -11.04 -20.53
N PHE A 302 -0.95 -10.52 -19.75
CA PHE A 302 -1.30 -9.63 -18.64
C PHE A 302 -1.91 -8.32 -19.15
N GLU A 303 -1.19 -7.67 -20.08
CA GLU A 303 -1.67 -6.57 -20.93
C GLU A 303 -3.07 -6.75 -21.54
N GLU A 304 -3.40 -7.96 -21.93
CA GLU A 304 -4.67 -8.24 -22.55
C GLU A 304 -5.77 -8.29 -21.50
N LEU A 305 -5.48 -8.89 -20.35
CA LEU A 305 -6.45 -8.88 -19.26
C LEU A 305 -6.85 -7.44 -18.84
N ASN A 306 -5.96 -6.48 -19.12
CA ASN A 306 -6.13 -5.12 -18.63
C ASN A 306 -6.31 -4.08 -19.74
N ALA A 307 -6.36 -4.55 -20.99
CA ALA A 307 -6.33 -3.69 -22.21
C ALA A 307 -7.28 -2.51 -22.19
N ASP A 308 -8.49 -2.75 -21.67
CA ASP A 308 -9.48 -1.69 -21.55
C ASP A 308 -9.11 -0.65 -20.48
N LEU A 309 -8.74 -1.12 -19.29
CA LEU A 309 -8.26 -0.26 -18.19
C LEU A 309 -6.99 0.54 -18.51
N PHE A 310 -6.07 -0.03 -19.27
CA PHE A 310 -4.87 0.73 -19.65
C PHE A 310 -5.23 1.89 -20.57
N ARG A 311 -6.04 1.61 -21.59
CA ARG A 311 -6.57 2.67 -22.45
C ARG A 311 -7.44 3.70 -21.69
N GLY A 312 -8.40 3.21 -20.92
CA GLY A 312 -9.27 4.04 -20.10
C GLY A 312 -8.53 5.14 -19.38
N THR A 313 -7.22 4.98 -19.19
CA THR A 313 -6.45 5.98 -18.44
C THR A 313 -6.25 7.21 -19.29
N LEU A 314 -6.35 7.05 -20.61
CA LEU A 314 -6.11 8.18 -21.52
C LEU A 314 -7.23 9.20 -21.51
N ASP A 315 -8.38 8.85 -20.93
CA ASP A 315 -9.52 9.75 -20.88
C ASP A 315 -9.30 10.87 -19.90
N PRO A 316 -8.97 10.59 -18.60
CA PRO A 316 -8.52 11.74 -17.83
C PRO A 316 -7.42 12.57 -18.52
N VAL A 317 -6.54 11.97 -19.34
CA VAL A 317 -5.57 12.77 -20.08
C VAL A 317 -6.26 13.74 -21.05
N GLU A 318 -7.24 13.24 -21.81
CA GLU A 318 -7.96 14.05 -22.78
C GLU A 318 -8.79 15.09 -22.06
N LYS A 319 -9.59 14.63 -21.08
CA LYS A 319 -10.48 15.49 -20.28
C LYS A 319 -9.72 16.63 -19.58
N ALA A 320 -8.47 16.39 -19.19
CA ALA A 320 -7.64 17.41 -18.55
C ALA A 320 -7.03 18.37 -19.56
N LEU A 321 -6.72 17.85 -20.76
CA LEU A 321 -6.30 18.69 -21.88
C LEU A 321 -7.47 19.56 -22.30
N ARG A 322 -8.66 18.98 -22.30
CA ARG A 322 -9.88 19.75 -22.59
C ARG A 322 -9.88 20.95 -21.66
N ASP A 323 -10.13 20.71 -20.37
CA ASP A 323 -10.27 21.75 -19.35
C ASP A 323 -9.12 22.73 -19.25
N ALA A 324 -7.97 22.42 -19.86
CA ALA A 324 -6.80 23.33 -19.84
C ALA A 324 -6.65 24.11 -21.16
N LYS A 325 -7.65 23.93 -22.04
CA LYS A 325 -7.67 24.43 -23.43
C LYS A 325 -6.36 24.23 -24.26
N LEU A 326 -5.77 23.04 -24.15
CA LEU A 326 -4.46 22.75 -24.76
C LEU A 326 -4.55 21.56 -25.67
N ASP A 327 -3.81 21.63 -26.79
CA ASP A 327 -3.71 20.52 -27.76
C ASP A 327 -2.56 19.63 -27.36
N LYS A 328 -2.70 18.34 -27.62
CA LYS A 328 -1.73 17.41 -27.08
C LYS A 328 -0.30 17.66 -27.55
N SER A 329 -0.16 18.45 -28.61
CA SER A 329 1.17 18.77 -29.17
C SER A 329 1.79 19.94 -28.42
N GLN A 330 1.01 20.57 -27.56
CA GLN A 330 1.51 21.68 -26.77
C GLN A 330 2.08 21.20 -25.45
N ILE A 331 1.90 19.92 -25.13
CA ILE A 331 2.45 19.39 -23.91
C ILE A 331 3.94 19.20 -24.16
N HIS A 332 4.73 19.95 -23.39
CA HIS A 332 6.20 19.96 -23.49
C HIS A 332 6.85 18.83 -22.69
N ASP A 333 6.23 18.46 -21.58
CA ASP A 333 6.80 17.45 -20.71
C ASP A 333 5.75 16.60 -20.03
N ILE A 334 6.09 15.32 -19.93
CA ILE A 334 5.28 14.29 -19.33
C ILE A 334 6.10 13.74 -18.13
N VAL A 335 5.49 13.70 -16.96
CA VAL A 335 6.18 13.19 -15.77
C VAL A 335 5.39 12.02 -15.14
N LEU A 336 6.05 10.89 -14.89
CA LEU A 336 5.30 9.71 -14.40
C LEU A 336 5.51 9.51 -12.91
N VAL A 337 4.45 9.47 -12.10
CA VAL A 337 4.64 9.18 -10.68
C VAL A 337 3.64 8.10 -10.18
N GLY A 338 3.87 7.52 -9.02
CA GLY A 338 3.01 6.48 -8.56
C GLY A 338 3.46 5.19 -9.21
N GLY A 339 3.60 4.19 -8.37
CA GLY A 339 4.26 2.97 -8.72
C GLY A 339 3.68 2.13 -9.80
N SER A 340 2.53 2.47 -10.36
CA SER A 340 1.94 1.65 -11.44
C SER A 340 2.45 2.06 -12.81
N THR A 341 2.93 3.31 -12.92
CA THR A 341 3.44 3.78 -14.19
C THR A 341 4.70 2.99 -14.59
N ARG A 342 5.10 2.07 -13.73
CA ARG A 342 6.24 1.22 -14.01
C ARG A 342 5.85 0.19 -15.05
N ILE A 343 4.55 0.08 -15.36
CA ILE A 343 4.04 -0.90 -16.34
C ILE A 343 4.33 -0.37 -17.74
N PRO A 344 5.05 -1.15 -18.57
CA PRO A 344 5.54 -0.64 -19.86
C PRO A 344 4.46 -0.28 -20.87
N LYS A 345 3.46 -1.14 -21.09
CA LYS A 345 2.37 -0.80 -22.01
C LYS A 345 1.67 0.52 -21.65
N ILE A 346 1.63 0.86 -20.36
CA ILE A 346 1.14 2.17 -19.91
C ILE A 346 2.05 3.29 -20.40
N GLN A 347 3.35 3.10 -20.29
CA GLN A 347 4.31 4.08 -20.83
C GLN A 347 4.25 4.14 -22.35
N LYS A 348 3.96 3.00 -22.98
CA LYS A 348 3.87 2.88 -24.43
C LYS A 348 2.62 3.58 -24.95
N LEU A 349 1.46 3.34 -24.33
CA LEU A 349 0.25 4.10 -24.69
C LEU A 349 0.47 5.63 -24.62
N LEU A 350 1.08 6.08 -23.52
CA LEU A 350 1.28 7.48 -23.27
C LEU A 350 2.25 8.10 -24.24
N GLN A 351 3.32 7.38 -24.56
CA GLN A 351 4.35 7.86 -25.50
C GLN A 351 3.78 7.96 -26.90
N ASP A 352 3.09 6.91 -27.32
CA ASP A 352 2.41 6.86 -28.59
C ASP A 352 1.25 7.86 -28.71
N PHE A 353 0.38 7.94 -27.69
CA PHE A 353 -0.62 9.04 -27.58
C PHE A 353 0.01 10.43 -27.79
N PHE A 354 1.05 10.73 -27.01
CA PHE A 354 1.79 11.98 -27.21
C PHE A 354 2.84 11.83 -28.29
N ASN A 355 2.38 11.24 -29.41
CA ASN A 355 3.10 11.14 -30.71
C ASN A 355 4.61 10.92 -30.64
N GLY A 356 4.99 9.88 -29.92
CA GLY A 356 6.40 9.48 -29.82
C GLY A 356 7.15 10.22 -28.76
N LYS A 357 6.53 11.29 -28.22
CA LYS A 357 7.20 12.20 -27.29
C LYS A 357 7.82 11.44 -26.11
N GLU A 358 9.04 11.82 -25.72
CA GLU A 358 9.68 11.25 -24.53
C GLU A 358 8.89 11.40 -23.20
N LEU A 359 9.29 10.59 -22.19
CA LEU A 359 8.71 10.62 -20.83
C LEU A 359 9.78 10.82 -19.76
N ASN A 360 9.50 11.68 -18.79
CA ASN A 360 10.40 11.86 -17.65
C ASN A 360 10.06 10.82 -16.63
N LYS A 361 11.01 9.92 -16.37
CA LYS A 361 10.70 8.75 -15.57
C LYS A 361 11.85 8.14 -14.79
N SER A 362 13.08 8.63 -14.98
CA SER A 362 14.23 8.09 -14.27
C SER A 362 14.21 8.17 -12.72
N ILE A 363 13.52 9.15 -12.14
CA ILE A 363 13.38 9.18 -10.67
C ILE A 363 12.40 8.05 -10.31
N ASN A 364 12.64 7.35 -9.20
CA ASN A 364 11.73 6.34 -8.66
C ASN A 364 10.30 6.91 -8.57
N PRO A 365 9.32 6.32 -9.29
CA PRO A 365 8.00 6.96 -9.32
C PRO A 365 7.26 7.07 -7.98
N ASP A 366 7.57 6.17 -7.04
CA ASP A 366 6.95 6.11 -5.68
C ASP A 366 7.47 7.22 -4.79
N GLU A 367 8.66 7.73 -5.17
CA GLU A 367 9.51 8.56 -4.36
C GLU A 367 9.65 9.98 -4.91
N ALA A 368 9.47 10.14 -6.22
CA ALA A 368 9.62 11.43 -6.90
C ALA A 368 8.89 12.62 -6.26
N VAL A 369 7.68 12.43 -5.73
CA VAL A 369 6.94 13.54 -5.05
C VAL A 369 7.74 13.99 -3.84
N ALA A 370 8.18 13.02 -3.05
CA ALA A 370 8.96 13.25 -1.84
C ALA A 370 10.34 13.78 -2.14
N TYR A 371 10.92 13.34 -3.26
CA TYR A 371 12.16 13.91 -3.82
C TYR A 371 12.14 15.44 -3.98
N GLY A 372 11.12 15.93 -4.70
CA GLY A 372 10.94 17.37 -4.99
C GLY A 372 10.54 18.22 -3.79
N ALA A 373 9.73 17.66 -2.91
CA ALA A 373 9.44 18.30 -1.62
C ALA A 373 10.70 18.51 -0.76
N ALA A 374 11.58 17.53 -0.77
CA ALA A 374 12.82 17.63 -0.03
C ALA A 374 13.84 18.56 -0.68
N VAL A 375 13.94 18.51 -2.01
CA VAL A 375 14.72 19.48 -2.78
C VAL A 375 14.27 20.90 -2.40
N GLN A 376 12.95 21.09 -2.40
CA GLN A 376 12.34 22.41 -2.15
C GLN A 376 12.42 22.86 -0.69
N ALA A 377 12.16 21.95 0.26
CA ALA A 377 12.39 22.22 1.70
C ALA A 377 13.80 22.73 2.01
N ALA A 378 14.80 22.24 1.27
CA ALA A 378 16.16 22.76 1.30
C ALA A 378 16.33 24.27 0.94
N ILE A 379 15.72 24.70 -0.16
CA ILE A 379 15.69 26.12 -0.55
C ILE A 379 14.98 27.01 0.49
N LEU A 380 13.82 26.57 0.97
CA LEU A 380 13.07 27.35 1.95
C LEU A 380 13.64 27.25 3.37
N SER A 381 14.84 26.68 3.48
CA SER A 381 15.47 26.27 4.75
C SER A 381 16.35 27.33 5.41
N GLY B 1 21.21 -35.75 -9.09
CA GLY B 1 22.41 -34.85 -9.05
C GLY B 1 22.28 -33.70 -8.06
N ASN B 2 22.74 -33.90 -6.82
CA ASN B 2 22.63 -32.86 -5.76
C ASN B 2 23.47 -31.63 -6.09
N SER B 3 22.82 -30.49 -6.20
CA SER B 3 23.46 -29.31 -6.71
C SER B 3 23.65 -28.31 -5.58
N PRO B 4 24.74 -27.53 -5.67
CA PRO B 4 24.95 -26.38 -4.79
C PRO B 4 23.69 -25.53 -4.61
N GLN B 5 23.06 -25.13 -5.73
CA GLN B 5 21.83 -24.32 -5.75
C GLN B 5 20.56 -24.87 -5.03
N GLU B 6 20.44 -26.18 -4.83
CA GLU B 6 19.26 -26.65 -4.07
C GLU B 6 19.47 -26.48 -2.58
N GLU B 7 20.70 -26.19 -2.15
CA GLU B 7 20.99 -25.96 -0.74
C GLU B 7 20.50 -24.59 -0.32
N VAL B 8 20.62 -23.66 -1.25
CA VAL B 8 20.07 -22.30 -1.14
C VAL B 8 18.60 -22.36 -0.79
N GLU B 9 17.89 -23.34 -1.35
CA GLU B 9 16.45 -23.40 -1.19
C GLU B 9 16.02 -24.14 0.07
N LEU B 10 16.71 -25.24 0.34
CA LEU B 10 16.51 -26.04 1.54
C LEU B 10 16.87 -25.23 2.79
N LYS B 11 17.77 -24.28 2.63
CA LYS B 11 18.12 -23.39 3.71
C LYS B 11 16.97 -22.38 4.00
N LYS B 12 16.36 -21.82 2.96
CA LYS B 12 15.18 -20.95 3.10
C LYS B 12 14.08 -21.71 3.78
N LEU B 13 13.86 -22.93 3.30
CA LEU B 13 12.74 -23.70 3.74
C LEU B 13 12.93 -24.10 5.18
N LYS B 14 14.16 -24.40 5.57
CA LYS B 14 14.43 -24.82 6.94
C LYS B 14 14.22 -23.69 7.97
N HIS B 15 14.58 -22.45 7.63
CA HIS B 15 14.24 -21.31 8.51
C HIS B 15 12.75 -21.16 8.58
N LEU B 16 12.05 -21.31 7.45
CA LEU B 16 10.57 -21.22 7.41
C LEU B 16 9.91 -22.27 8.30
N GLU B 17 10.53 -23.46 8.37
CA GLU B 17 10.18 -24.51 9.34
C GLU B 17 10.34 -24.03 10.79
N LYS B 18 11.44 -23.35 11.11
CA LYS B 18 11.66 -22.78 12.45
C LYS B 18 10.62 -21.71 12.87
N SER B 19 10.26 -20.83 11.94
CA SER B 19 9.20 -19.86 12.19
C SER B 19 7.87 -20.59 12.43
N VAL B 20 7.62 -21.59 11.61
CA VAL B 20 6.41 -22.38 11.67
C VAL B 20 6.20 -22.96 13.07
N GLU B 21 7.26 -23.50 13.66
CA GLU B 21 7.27 -24.10 15.02
C GLU B 21 7.00 -23.07 16.12
N LYS B 22 7.64 -21.91 16.02
CA LYS B 22 7.26 -20.76 16.83
C LYS B 22 5.75 -20.47 16.80
N ILE B 23 5.19 -20.18 15.61
CA ILE B 23 3.74 -19.92 15.50
C ILE B 23 2.90 -21.08 16.08
N ALA B 24 3.38 -22.32 15.89
CA ALA B 24 2.67 -23.54 16.33
C ALA B 24 2.72 -23.73 17.85
N ASP B 25 3.89 -23.51 18.45
CA ASP B 25 4.04 -23.45 19.93
C ASP B 25 3.07 -22.41 20.50
N GLN B 26 2.94 -21.29 19.78
CA GLN B 26 2.04 -20.18 20.10
C GLN B 26 0.57 -20.60 19.94
N LEU B 27 0.29 -21.40 18.92
CA LEU B 27 -1.01 -22.06 18.80
C LEU B 27 -1.25 -23.04 19.95
N GLU B 28 -0.16 -23.64 20.44
CA GLU B 28 -0.26 -24.58 21.57
C GLU B 28 -0.58 -23.93 22.91
N GLU B 29 0.08 -22.80 23.18
CA GLU B 29 -0.23 -21.98 24.35
C GLU B 29 -1.71 -21.60 24.49
N LEU B 30 -2.36 -21.25 23.38
CA LEU B 30 -3.76 -20.80 23.35
C LEU B 30 -4.76 -21.89 23.71
N ASN B 31 -4.59 -23.07 23.13
CA ASN B 31 -5.40 -24.23 23.45
C ASN B 31 -5.26 -24.60 24.93
N LYS B 32 -4.07 -24.37 25.50
CA LYS B 32 -3.82 -24.62 26.93
C LYS B 32 -4.42 -23.58 27.89
N GLU B 33 -4.43 -22.32 27.47
CA GLU B 33 -5.05 -21.25 28.24
C GLU B 33 -6.55 -21.38 28.13
N LEU B 34 -7.03 -21.65 26.90
CA LEU B 34 -8.42 -21.97 26.59
C LEU B 34 -8.95 -23.00 27.57
N THR B 35 -8.30 -24.15 27.60
CA THR B 35 -8.68 -25.27 28.45
C THR B 35 -8.67 -24.93 29.94
N GLY B 36 -8.08 -23.77 30.27
CA GLY B 36 -7.88 -23.34 31.66
C GLY B 36 -8.87 -22.26 32.04
N ILE B 37 -9.08 -21.33 31.11
CA ILE B 37 -10.07 -20.25 31.23
C ILE B 37 -11.49 -20.85 31.33
N GLN B 38 -11.77 -21.89 30.54
CA GLN B 38 -13.03 -22.60 30.60
C GLN B 38 -13.19 -23.41 31.89
N GLN B 39 -12.16 -23.40 32.73
CA GLN B 39 -12.18 -24.05 34.05
C GLN B 39 -13.00 -23.19 34.98
N GLY B 40 -13.13 -21.91 34.64
CA GLY B 40 -14.05 -20.99 35.27
C GLY B 40 -13.57 -20.30 36.54
N PHE B 41 -12.32 -19.86 36.56
CA PHE B 41 -11.78 -19.13 37.71
C PHE B 41 -12.56 -17.82 37.97
N LEU B 42 -13.40 -17.42 37.00
CA LEU B 42 -13.96 -16.05 36.88
C LEU B 42 -15.45 -16.05 36.50
N PRO B 43 -16.18 -14.93 36.73
CA PRO B 43 -17.58 -14.79 36.27
C PRO B 43 -17.75 -14.66 34.74
N LYS B 44 -18.97 -14.85 34.23
CA LYS B 44 -19.17 -14.96 32.76
C LYS B 44 -18.85 -13.72 31.90
N ASP B 45 -19.17 -12.52 32.38
CA ASP B 45 -18.77 -11.27 31.71
C ASP B 45 -17.26 -11.19 31.45
N LEU B 46 -16.45 -11.34 32.52
CA LEU B 46 -14.97 -11.31 32.49
C LEU B 46 -14.30 -12.52 31.84
N GLN B 47 -14.91 -13.70 32.02
CA GLN B 47 -14.45 -14.91 31.37
C GLN B 47 -14.55 -14.69 29.86
N ALA B 48 -15.65 -14.06 29.44
CA ALA B 48 -15.90 -13.77 28.02
C ALA B 48 -14.87 -12.81 27.44
N GLU B 49 -14.61 -11.71 28.16
CA GLU B 49 -13.51 -10.77 27.84
C GLU B 49 -12.17 -11.47 27.58
N ALA B 50 -11.83 -12.46 28.42
CA ALA B 50 -10.62 -13.27 28.30
C ALA B 50 -10.63 -14.14 27.04
N LEU B 51 -11.81 -14.63 26.70
CA LEU B 51 -12.02 -15.42 25.48
C LEU B 51 -11.92 -14.57 24.20
N CYS B 52 -12.30 -13.30 24.26
CA CYS B 52 -12.05 -12.43 23.12
C CYS B 52 -10.58 -12.10 22.92
N LYS B 53 -9.86 -11.75 24.00
CA LYS B 53 -8.40 -11.50 23.93
C LYS B 53 -7.70 -12.69 23.31
N LEU B 54 -8.02 -13.88 23.80
CA LEU B 54 -7.59 -15.16 23.25
C LEU B 54 -7.93 -15.33 21.73
N ASP B 55 -9.17 -14.97 21.35
CA ASP B 55 -9.66 -14.90 19.95
C ASP B 55 -8.85 -13.99 19.00
N ARG B 56 -8.41 -12.83 19.50
CA ARG B 56 -7.61 -11.90 18.75
C ARG B 56 -6.24 -12.51 18.50
N ARG B 57 -5.84 -13.36 19.43
CA ARG B 57 -4.54 -14.02 19.40
C ARG B 57 -4.50 -15.22 18.45
N VAL B 58 -5.56 -16.03 18.41
CA VAL B 58 -5.67 -17.02 17.33
C VAL B 58 -5.71 -16.30 15.98
N LYS B 59 -6.33 -15.11 15.96
CA LYS B 59 -6.43 -14.32 14.74
C LYS B 59 -5.04 -13.91 14.23
N ALA B 60 -4.14 -13.67 15.18
CA ALA B 60 -2.77 -13.25 14.88
C ALA B 60 -1.93 -14.44 14.53
N THR B 61 -2.21 -15.56 15.18
CA THR B 61 -1.62 -16.86 14.85
C THR B 61 -1.94 -17.19 13.39
N ILE B 62 -3.22 -17.09 13.03
CA ILE B 62 -3.69 -17.35 11.67
C ILE B 62 -2.94 -16.47 10.67
N GLU B 63 -2.89 -15.18 10.95
CA GLU B 63 -2.22 -14.20 10.10
C GLU B 63 -0.76 -14.60 9.92
N GLN B 64 -0.14 -15.07 11.00
CA GLN B 64 1.25 -15.44 10.98
C GLN B 64 1.55 -16.67 10.16
N PHE B 65 0.63 -17.62 10.18
CA PHE B 65 0.75 -18.81 9.34
C PHE B 65 0.59 -18.38 7.88
N MET B 66 -0.30 -17.40 7.66
CA MET B 66 -0.61 -16.89 6.32
C MET B 66 0.50 -16.10 5.66
N LYS B 67 1.28 -15.37 6.45
CA LYS B 67 2.49 -14.73 5.92
C LYS B 67 3.60 -15.74 5.55
N ILE B 68 3.73 -16.80 6.34
CA ILE B 68 4.61 -17.92 6.01
C ILE B 68 4.17 -18.54 4.68
N LEU B 69 2.87 -18.79 4.53
CA LEU B 69 2.36 -19.32 3.28
C LEU B 69 2.67 -18.38 2.11
N GLU B 70 2.49 -17.09 2.32
CA GLU B 70 2.74 -16.14 1.24
C GLU B 70 4.23 -16.09 0.88
N GLU B 71 5.09 -16.52 1.79
CA GLU B 71 6.53 -16.46 1.52
C GLU B 71 7.00 -17.74 0.84
N ILE B 72 6.35 -18.85 1.20
CA ILE B 72 6.56 -20.10 0.47
C ILE B 72 6.16 -19.92 -1.01
N ASP B 73 5.07 -19.21 -1.24
CA ASP B 73 4.50 -19.01 -2.59
C ASP B 73 5.37 -18.16 -3.53
N THR B 74 6.58 -17.80 -3.08
CA THR B 74 7.52 -17.02 -3.89
C THR B 74 8.62 -17.93 -4.46
N LEU B 75 8.76 -19.13 -3.88
CA LEU B 75 9.74 -20.12 -4.38
C LEU B 75 9.28 -20.73 -5.68
N ILE B 76 10.27 -20.93 -6.57
CA ILE B 76 10.12 -21.71 -7.79
C ILE B 76 11.15 -22.81 -7.70
N LEU B 77 10.71 -24.05 -7.64
CA LEU B 77 11.58 -25.19 -7.52
C LEU B 77 11.47 -26.08 -8.78
N PRO B 78 12.59 -26.21 -9.55
CA PRO B 78 12.67 -27.11 -10.68
C PRO B 78 12.31 -28.54 -10.29
N GLU B 79 11.84 -29.29 -11.26
CA GLU B 79 11.29 -30.60 -11.03
C GLU B 79 12.33 -31.51 -10.37
N ASN B 80 13.60 -31.33 -10.73
CA ASN B 80 14.69 -32.16 -10.19
C ASN B 80 15.16 -31.81 -8.77
N PHE B 81 14.72 -30.66 -8.26
CA PHE B 81 14.85 -30.31 -6.87
C PHE B 81 13.77 -31.02 -6.08
N LYS B 82 13.86 -32.36 -6.01
CA LYS B 82 12.81 -33.14 -5.34
C LYS B 82 12.83 -33.05 -3.81
N ASP B 83 14.01 -32.83 -3.23
CA ASP B 83 14.18 -32.73 -1.77
C ASP B 83 13.52 -31.48 -1.23
N SER B 84 13.61 -30.41 -2.02
CA SER B 84 12.95 -29.12 -1.74
C SER B 84 11.45 -29.18 -1.97
N ARG B 85 11.07 -29.85 -3.05
CA ARG B 85 9.69 -29.90 -3.41
C ARG B 85 8.91 -30.66 -2.33
N LEU B 86 9.53 -31.69 -1.77
CA LEU B 86 8.96 -32.44 -0.63
C LEU B 86 8.91 -31.59 0.65
N LYS B 87 10.02 -30.95 1.00
CA LYS B 87 10.08 -30.12 2.24
C LYS B 87 9.05 -28.97 2.22
N ARG B 88 9.03 -28.22 1.12
CA ARG B 88 7.99 -27.21 0.84
C ARG B 88 6.59 -27.77 0.89
N LYS B 89 6.34 -28.86 0.15
CA LYS B 89 5.01 -29.45 0.13
C LYS B 89 4.54 -29.90 1.51
N GLY B 90 5.38 -30.62 2.24
CA GLY B 90 5.09 -30.98 3.65
C GLY B 90 4.76 -29.78 4.53
N LEU B 91 5.64 -28.78 4.49
CA LEU B 91 5.51 -27.53 5.23
C LEU B 91 4.18 -26.85 4.98
N VAL B 92 3.76 -26.80 3.73
CA VAL B 92 2.48 -26.21 3.37
C VAL B 92 1.32 -26.96 4.05
N LYS B 93 1.24 -28.29 3.85
CA LYS B 93 0.16 -29.12 4.41
C LYS B 93 0.16 -29.03 5.97
N LYS B 94 1.37 -28.95 6.52
CA LYS B 94 1.63 -28.85 7.94
C LYS B 94 0.97 -27.61 8.48
N VAL B 95 1.37 -26.47 7.91
CA VAL B 95 0.74 -25.17 8.18
C VAL B 95 -0.78 -25.18 8.02
N GLN B 96 -1.27 -25.84 6.97
CA GLN B 96 -2.71 -25.97 6.72
C GLN B 96 -3.48 -26.81 7.76
N ALA B 97 -2.85 -27.87 8.24
CA ALA B 97 -3.38 -28.60 9.38
C ALA B 97 -3.46 -27.74 10.66
N PHE B 98 -2.46 -26.87 10.87
CA PHE B 98 -2.43 -25.91 11.99
C PHE B 98 -3.47 -24.85 11.79
N LEU B 99 -3.64 -24.42 10.54
CA LEU B 99 -4.71 -23.48 10.23
C LEU B 99 -6.09 -24.05 10.61
N ALA B 100 -6.36 -25.31 10.29
CA ALA B 100 -7.61 -25.96 10.68
C ALA B 100 -7.75 -26.04 12.22
N GLU B 101 -6.63 -26.32 12.90
CA GLU B 101 -6.58 -26.25 14.38
C GLU B 101 -7.01 -24.88 14.89
N CYS B 102 -6.43 -23.82 14.33
CA CYS B 102 -6.80 -22.45 14.72
C CYS B 102 -8.28 -22.22 14.55
N ASP B 103 -8.84 -22.73 13.45
CA ASP B 103 -10.19 -22.38 13.05
C ASP B 103 -11.16 -23.04 13.98
N THR B 104 -10.83 -24.27 14.37
CA THR B 104 -11.56 -24.95 15.43
C THR B 104 -11.62 -24.13 16.74
N VAL B 105 -10.48 -23.66 17.23
CA VAL B 105 -10.50 -22.73 18.37
C VAL B 105 -11.38 -21.53 18.06
N GLU B 106 -11.13 -20.90 16.92
CA GLU B 106 -11.68 -19.57 16.67
C GLU B 106 -13.19 -19.53 16.43
N GLN B 107 -13.71 -20.52 15.70
CA GLN B 107 -15.14 -20.59 15.41
C GLN B 107 -15.96 -20.65 16.71
N ASN B 108 -15.28 -21.01 17.81
CA ASN B 108 -15.91 -21.42 19.09
C ASN B 108 -15.65 -20.54 20.32
N ILE B 109 -15.15 -19.32 20.08
CA ILE B 109 -15.00 -18.24 21.11
C ILE B 109 -15.29 -16.88 20.44
N CYS B 110 -15.83 -15.92 21.19
CA CYS B 110 -16.00 -14.53 20.72
C CYS B 110 -16.59 -14.40 19.29
N GLN B 111 -17.92 -14.56 19.21
CA GLN B 111 -18.71 -14.61 17.96
C GLN B 111 -19.82 -13.53 17.97
C TRS C . 1.02 9.87 -4.56
C1 TRS C . 1.25 8.38 -5.00
C2 TRS C . 2.19 10.71 -5.07
C3 TRS C . 0.95 9.94 -3.00
N TRS C . -0.23 10.38 -5.14
O1 TRS C . 1.60 8.21 -6.40
O2 TRS C . 3.44 10.24 -4.49
O3 TRS C . 0.35 11.14 -2.48
C18 3FD D . 8.12 -1.84 -5.10
C18 3FD D . 5.81 -2.21 -4.47
C17 3FD D . 8.49 -2.94 -4.32
C17 3FD D . 6.19 -3.30 -3.71
C16 3FD D . 7.52 -3.66 -3.63
CL20 3FD D . 7.98 -5.01 -2.68
C15 3FD D . 6.19 -3.30 -3.71
C15 3FD D . 8.49 -2.94 -4.32
C14 3FD D . 5.81 -2.21 -4.47
C14 3FD D . 8.12 -1.84 -5.10
C13 3FD D . 6.79 -1.46 -5.16
C12 3FD D . 6.36 -0.26 -6.00
N11 3FD D . 5.04 -0.51 -6.57
C6 3FD D . 4.93 -1.05 -7.78
N7 3FD D . 5.95 -1.48 -8.55
C8 3FD D . 5.44 -1.91 -9.69
C4 3FD D . 6.01 -2.46 -10.80
N10 3FD D . 7.33 -2.62 -10.87
N1 3FD D . 5.23 -2.82 -11.84
C2 3FD D . 3.91 -2.68 -11.78
N3 3FD D . 3.34 -2.15 -10.69
C9 3FD D . 4.09 -1.77 -9.65
N5 3FD D . 3.77 -1.24 -8.48
C21 3FD D . 2.36 -0.91 -8.00
O22 3FD D . 2.31 0.46 -7.54
C24 3FD D . 2.02 -1.73 -6.78
O26 3FD D . 1.55 -3.02 -7.18
C25 3FD D . 0.91 -0.99 -6.16
O27 3FD D . -0.30 -1.40 -6.75
C23 3FD D . 1.19 0.49 -6.51
C28 3FD D . 1.67 1.29 -5.25
O29 3FD D . 2.94 0.74 -4.81
C30 3FD D . 3.32 1.32 -3.55
C31 3FD D . 4.31 0.68 -2.78
C32 3FD D . 5.55 1.30 -2.61
C33 3FD D . 6.54 0.67 -1.85
C34 3FD D . 6.30 -0.58 -1.28
C37 3FD D . 7.32 -1.23 -0.48
N38 3FD D . 8.17 -1.73 0.12
C35 3FD D . 5.05 -1.21 -1.46
C36 3FD D . 4.06 -0.58 -2.21
CL21 3FD D . 5.00 -4.25 -2.86
CL21 3FD D . 10.17 -3.41 -4.22
#